data_1KVF
#
_entry.id   1KVF
#
_entity_poly.entity_id   1
_entity_poly.type   'polypeptide(L)'
_entity_poly.pdbx_seq_one_letter_code
;TYSCHFGPLTWVCKPQ(NH2)
;
_entity_poly.pdbx_strand_id   A
#
# COMPACT_ATOMS: atom_id res chain seq x y z
N THR A 1 -3.15 -10.11 3.00
CA THR A 1 -1.88 -10.59 2.44
C THR A 1 -1.02 -9.42 1.94
N TYR A 2 -1.52 -8.71 0.91
CA TYR A 2 -0.81 -7.62 0.27
C TYR A 2 -0.80 -6.38 1.16
N SER A 3 0.14 -5.47 0.89
CA SER A 3 0.27 -4.20 1.59
C SER A 3 -0.36 -3.12 0.71
N CYS A 4 -1.69 -3.18 0.57
CA CYS A 4 -2.52 -2.31 -0.25
C CYS A 4 -3.38 -1.44 0.66
N HIS A 5 -2.83 -0.26 1.00
CA HIS A 5 -3.35 0.65 2.00
C HIS A 5 -3.19 2.09 1.53
N PHE A 6 -3.90 3.03 2.18
CA PHE A 6 -3.67 4.45 2.00
C PHE A 6 -2.54 4.88 2.92
N GLY A 7 -1.40 5.29 2.36
CA GLY A 7 -0.26 5.80 3.11
C GLY A 7 1.04 5.52 2.36
N PRO A 8 2.11 6.29 2.62
CA PRO A 8 2.20 7.35 3.61
C PRO A 8 1.50 8.63 3.14
N LEU A 9 1.77 9.06 1.90
CA LEU A 9 1.17 10.25 1.30
C LEU A 9 0.02 9.81 0.39
N THR A 10 0.34 9.00 -0.63
CA THR A 10 -0.62 8.46 -1.58
C THR A 10 -0.96 7.01 -1.17
N TRP A 11 -1.73 6.31 -2.00
CA TRP A 11 -1.93 4.89 -1.84
C TRP A 11 -0.66 4.14 -2.26
N VAL A 12 -0.37 3.04 -1.57
CA VAL A 12 0.73 2.13 -1.89
C VAL A 12 0.17 0.72 -1.86
N CYS A 13 0.48 -0.09 -2.89
CA CYS A 13 -0.02 -1.44 -3.06
C CYS A 13 1.07 -2.36 -3.57
N LYS A 14 1.77 -3.00 -2.62
CA LYS A 14 2.82 -3.99 -2.88
C LYS A 14 2.22 -5.39 -2.71
N PRO A 15 2.20 -6.24 -3.75
CA PRO A 15 1.63 -7.56 -3.69
C PRO A 15 2.59 -8.53 -3.00
N GLN A 16 2.55 -8.55 -1.66
CA GLN A 16 3.46 -9.34 -0.84
C GLN A 16 3.30 -10.84 -1.10
N THR A 1 5.17 -1.15 5.53
CA THR A 1 5.06 -2.50 4.94
C THR A 1 4.56 -2.44 3.50
N TYR A 2 4.84 -3.50 2.73
CA TYR A 2 4.33 -3.66 1.36
C TYR A 2 2.89 -4.19 1.39
N SER A 3 1.99 -3.41 2.01
CA SER A 3 0.56 -3.66 2.07
C SER A 3 -0.15 -2.82 1.01
N CYS A 4 -1.48 -2.94 0.95
CA CYS A 4 -2.36 -2.17 0.07
C CYS A 4 -3.16 -1.19 0.93
N HIS A 5 -2.56 -0.02 1.17
CA HIS A 5 -3.04 0.98 2.10
C HIS A 5 -2.84 2.39 1.52
N PHE A 6 -3.68 3.32 1.95
CA PHE A 6 -3.55 4.73 1.59
C PHE A 6 -2.60 5.42 2.58
N GLY A 7 -1.30 5.25 2.35
CA GLY A 7 -0.26 5.92 3.09
C GLY A 7 1.12 5.52 2.55
N PRO A 8 2.21 6.16 2.97
CA PRO A 8 2.28 7.26 3.94
C PRO A 8 1.48 8.50 3.50
N LEU A 9 1.46 8.77 2.19
CA LEU A 9 0.68 9.84 1.58
C LEU A 9 -0.28 9.26 0.54
N THR A 10 0.25 8.51 -0.43
CA THR A 10 -0.47 8.03 -1.60
C THR A 10 -0.92 6.59 -1.41
N TRP A 11 -1.66 6.06 -2.41
CA TRP A 11 -2.06 4.66 -2.47
C TRP A 11 -0.83 3.79 -2.76
N VAL A 12 -0.30 3.16 -1.71
CA VAL A 12 0.79 2.19 -1.83
C VAL A 12 0.18 0.80 -1.78
N CYS A 13 0.14 0.13 -2.92
CA CYS A 13 -0.30 -1.24 -3.09
C CYS A 13 0.62 -1.94 -4.09
N LYS A 14 1.85 -2.20 -3.65
CA LYS A 14 2.87 -2.93 -4.38
C LYS A 14 3.35 -4.10 -3.53
N PRO A 15 2.55 -5.17 -3.38
CA PRO A 15 2.89 -6.29 -2.53
C PRO A 15 4.06 -7.09 -3.12
N GLN A 16 5.23 -7.00 -2.48
CA GLN A 16 6.45 -7.66 -2.91
C GLN A 16 6.32 -9.18 -2.77
N THR A 1 -5.65 -10.33 -2.52
CA THR A 1 -4.40 -10.95 -2.03
C THR A 1 -3.44 -9.90 -1.48
N TYR A 2 -2.99 -8.98 -2.34
CA TYR A 2 -2.02 -7.95 -1.99
C TYR A 2 -2.63 -6.96 -0.99
N SER A 3 -1.76 -6.36 -0.18
CA SER A 3 -2.11 -5.45 0.91
C SER A 3 -1.91 -4.03 0.42
N CYS A 4 -3.01 -3.38 0.02
CA CYS A 4 -3.03 -2.01 -0.46
C CYS A 4 -3.48 -1.07 0.66
N HIS A 5 -2.72 0.02 0.86
CA HIS A 5 -2.85 0.91 2.00
C HIS A 5 -2.68 2.37 1.55
N PHE A 6 -3.48 3.27 2.13
CA PHE A 6 -3.40 4.70 1.85
C PHE A 6 -2.32 5.33 2.74
N GLY A 7 -1.06 5.12 2.35
CA GLY A 7 0.09 5.72 3.01
C GLY A 7 1.35 5.49 2.17
N PRO A 8 2.46 6.20 2.41
CA PRO A 8 2.65 7.21 3.46
C PRO A 8 1.73 8.42 3.31
N LEU A 9 1.44 8.82 2.06
CA LEU A 9 0.51 9.88 1.72
C LEU A 9 -0.58 9.34 0.79
N THR A 10 -0.16 8.77 -0.34
CA THR A 10 -1.04 8.29 -1.40
C THR A 10 -1.24 6.78 -1.27
N TRP A 11 -2.05 6.20 -2.17
CA TRP A 11 -2.20 4.76 -2.28
C TRP A 11 -0.90 4.11 -2.72
N VAL A 12 -0.38 3.20 -1.90
CA VAL A 12 0.75 2.33 -2.21
C VAL A 12 0.30 0.90 -1.86
N CYS A 13 0.82 -0.10 -2.57
CA CYS A 13 0.42 -1.48 -2.38
C CYS A 13 1.62 -2.42 -2.46
N LYS A 14 1.60 -3.47 -1.65
CA LYS A 14 2.68 -4.44 -1.47
C LYS A 14 2.06 -5.84 -1.34
N PRO A 15 2.87 -6.93 -1.36
CA PRO A 15 2.38 -8.29 -1.20
C PRO A 15 1.57 -8.50 0.08
N GLN A 16 0.88 -9.65 0.16
CA GLN A 16 -0.02 -10.00 1.24
C GLN A 16 0.68 -9.91 2.61
N THR A 1 0.15 -10.73 1.61
CA THR A 1 1.18 -10.42 0.60
C THR A 1 0.92 -9.05 -0.03
N TYR A 2 0.08 -9.01 -1.06
CA TYR A 2 -0.25 -7.79 -1.80
C TYR A 2 -1.13 -6.89 -0.94
N SER A 3 -0.46 -6.05 -0.13
CA SER A 3 -1.08 -5.26 0.92
C SER A 3 -1.29 -3.83 0.40
N CYS A 4 -2.53 -3.54 -0.02
CA CYS A 4 -2.92 -2.28 -0.61
C CYS A 4 -3.60 -1.41 0.45
N HIS A 5 -2.95 -0.29 0.79
CA HIS A 5 -3.34 0.60 1.88
C HIS A 5 -3.14 2.05 1.47
N PHE A 6 -3.65 2.97 2.29
CA PHE A 6 -3.37 4.39 2.17
C PHE A 6 -2.17 4.73 3.05
N GLY A 7 -1.09 5.21 2.45
CA GLY A 7 0.08 5.70 3.17
C GLY A 7 1.32 5.64 2.29
N PRO A 8 2.33 6.51 2.52
CA PRO A 8 2.35 7.53 3.56
C PRO A 8 1.52 8.75 3.15
N LEU A 9 1.69 9.21 1.90
CA LEU A 9 1.03 10.38 1.33
C LEU A 9 -0.07 9.94 0.37
N THR A 10 0.21 8.93 -0.46
CA THR A 10 -0.68 8.41 -1.50
C THR A 10 -1.05 6.96 -1.17
N TRP A 11 -1.86 6.34 -2.05
CA TRP A 11 -2.18 4.93 -1.95
C TRP A 11 -0.99 4.11 -2.45
N VAL A 12 -0.64 3.03 -1.74
CA VAL A 12 0.49 2.17 -2.03
C VAL A 12 0.09 0.70 -1.83
N CYS A 13 0.49 -0.15 -2.78
CA CYS A 13 0.41 -1.61 -2.68
C CYS A 13 1.81 -2.17 -2.50
N LYS A 14 2.01 -2.92 -1.41
CA LYS A 14 3.26 -3.58 -1.08
C LYS A 14 3.14 -5.04 -1.50
N PRO A 15 3.83 -5.50 -2.56
CA PRO A 15 3.62 -6.82 -3.14
C PRO A 15 4.07 -7.93 -2.20
N GLN A 16 5.33 -7.84 -1.71
CA GLN A 16 5.91 -8.66 -0.65
C GLN A 16 6.05 -10.14 -1.06
N THR A 1 -1.17 -10.50 2.02
CA THR A 1 -0.40 -10.57 0.76
C THR A 1 -0.56 -9.28 -0.04
N TYR A 2 -1.65 -9.17 -0.80
CA TYR A 2 -1.94 -8.00 -1.62
C TYR A 2 -2.53 -6.90 -0.75
N SER A 3 -1.65 -6.26 0.03
CA SER A 3 -2.01 -5.31 1.07
C SER A 3 -1.84 -3.89 0.53
N CYS A 4 -2.96 -3.28 0.13
CA CYS A 4 -3.02 -1.92 -0.41
C CYS A 4 -3.47 -0.97 0.69
N HIS A 5 -2.71 0.12 0.87
CA HIS A 5 -2.85 1.05 1.99
C HIS A 5 -2.66 2.48 1.49
N PHE A 6 -3.41 3.42 2.09
CA PHE A 6 -3.29 4.84 1.80
C PHE A 6 -2.20 5.44 2.67
N GLY A 7 -0.95 5.02 2.42
CA GLY A 7 0.24 5.45 3.13
C GLY A 7 1.44 5.44 2.18
N PRO A 8 2.47 6.26 2.41
CA PRO A 8 2.61 7.20 3.52
C PRO A 8 1.71 8.44 3.36
N LEU A 9 1.23 8.70 2.14
CA LEU A 9 0.30 9.77 1.82
C LEU A 9 -0.72 9.27 0.81
N THR A 10 -0.24 8.71 -0.31
CA THR A 10 -1.04 8.25 -1.43
C THR A 10 -1.23 6.73 -1.34
N TRP A 11 -2.01 6.16 -2.27
CA TRP A 11 -2.20 4.72 -2.37
C TRP A 11 -0.92 4.05 -2.83
N VAL A 12 -0.35 3.21 -1.95
CA VAL A 12 0.76 2.31 -2.25
C VAL A 12 0.32 0.91 -1.86
N CYS A 13 0.79 -0.11 -2.59
CA CYS A 13 0.38 -1.49 -2.36
C CYS A 13 1.56 -2.44 -2.51
N LYS A 14 1.65 -3.40 -1.60
CA LYS A 14 2.64 -4.45 -1.59
C LYS A 14 1.96 -5.73 -2.10
N PRO A 15 2.27 -6.21 -3.31
CA PRO A 15 1.56 -7.33 -3.92
C PRO A 15 1.88 -8.64 -3.20
N GLN A 16 3.17 -8.96 -3.06
CA GLN A 16 3.71 -10.12 -2.35
C GLN A 16 3.36 -11.45 -3.04
N THR A 1 -0.24 -12.04 -0.62
CA THR A 1 -0.76 -11.01 -1.52
C THR A 1 -0.43 -9.61 -1.01
N TYR A 2 -0.17 -8.67 -1.93
CA TYR A 2 0.28 -7.33 -1.63
C TYR A 2 -0.66 -6.62 -0.64
N SER A 3 -0.07 -5.76 0.19
CA SER A 3 -0.75 -5.00 1.23
C SER A 3 -1.00 -3.58 0.69
N CYS A 4 -2.23 -3.36 0.21
CA CYS A 4 -2.68 -2.15 -0.44
C CYS A 4 -3.44 -1.30 0.58
N HIS A 5 -2.88 -0.13 0.92
CA HIS A 5 -3.39 0.75 1.95
C HIS A 5 -3.24 2.21 1.51
N PHE A 6 -3.89 3.12 2.24
CA PHE A 6 -3.70 4.55 2.09
C PHE A 6 -2.49 4.97 2.92
N GLY A 7 -1.34 5.16 2.26
CA GLY A 7 -0.12 5.67 2.87
C GLY A 7 1.09 5.30 2.01
N PRO A 8 2.25 5.94 2.23
CA PRO A 8 2.53 6.93 3.27
C PRO A 8 1.79 8.26 3.05
N LEU A 9 1.85 8.78 1.83
CA LEU A 9 1.19 10.03 1.43
C LEU A 9 -0.04 9.67 0.60
N THR A 10 0.17 8.97 -0.53
CA THR A 10 -0.87 8.51 -1.43
C THR A 10 -1.17 7.04 -1.15
N TRP A 11 -2.06 6.43 -1.93
CA TRP A 11 -2.29 5.00 -1.87
C TRP A 11 -1.09 4.25 -2.47
N VAL A 12 -0.61 3.22 -1.76
CA VAL A 12 0.50 2.38 -2.21
C VAL A 12 0.20 0.92 -1.84
N CYS A 13 0.70 -0.02 -2.67
CA CYS A 13 0.70 -1.45 -2.42
C CYS A 13 2.12 -1.91 -2.16
N LYS A 14 2.38 -2.44 -0.97
CA LYS A 14 3.69 -2.96 -0.57
C LYS A 14 3.70 -4.48 -0.71
N PRO A 15 4.83 -5.11 -1.07
CA PRO A 15 4.94 -6.55 -1.24
C PRO A 15 4.74 -7.25 0.10
N GLN A 16 3.91 -8.31 0.08
CA GLN A 16 3.54 -9.08 1.26
C GLN A 16 3.14 -10.48 0.79
N THR A 1 5.00 -0.92 1.76
CA THR A 1 4.86 -2.27 2.34
C THR A 1 4.16 -3.22 1.37
N TYR A 2 4.18 -4.52 1.68
CA TYR A 2 3.54 -5.56 0.89
C TYR A 2 2.04 -5.63 1.24
N SER A 3 1.37 -4.46 1.27
CA SER A 3 -0.04 -4.33 1.58
C SER A 3 -0.66 -3.26 0.68
N CYS A 4 -1.99 -3.21 0.65
CA CYS A 4 -2.77 -2.23 -0.12
C CYS A 4 -3.40 -1.23 0.83
N HIS A 5 -2.68 -0.12 1.06
CA HIS A 5 -3.05 0.93 2.00
C HIS A 5 -2.74 2.30 1.42
N PHE A 6 -3.35 3.35 1.98
CA PHE A 6 -3.03 4.73 1.68
C PHE A 6 -2.09 5.27 2.75
N GLY A 7 -0.79 5.29 2.45
CA GLY A 7 0.24 5.73 3.38
C GLY A 7 1.55 5.99 2.62
N PRO A 8 2.35 7.00 2.99
CA PRO A 8 2.08 8.02 4.00
C PRO A 8 0.90 8.92 3.58
N LEU A 9 0.91 9.38 2.33
CA LEU A 9 -0.21 10.06 1.69
C LEU A 9 -0.32 9.59 0.24
N THR A 10 -0.03 8.30 0.01
CA THR A 10 0.09 7.69 -1.31
C THR A 10 -0.52 6.29 -1.29
N TRP A 11 -1.24 5.93 -2.36
CA TRP A 11 -1.80 4.59 -2.49
C TRP A 11 -0.68 3.58 -2.81
N VAL A 12 -0.20 2.89 -1.78
CA VAL A 12 0.82 1.86 -1.88
C VAL A 12 0.09 0.52 -1.88
N CYS A 13 -0.03 -0.10 -3.06
CA CYS A 13 -0.66 -1.39 -3.27
C CYS A 13 0.14 -2.17 -4.30
N LYS A 14 1.41 -2.44 -3.95
CA LYS A 14 2.35 -3.22 -4.75
C LYS A 14 3.16 -4.12 -3.81
N PRO A 15 3.58 -5.31 -4.27
CA PRO A 15 4.36 -6.25 -3.47
C PRO A 15 5.84 -5.81 -3.43
N GLN A 16 6.12 -4.72 -2.70
CA GLN A 16 7.45 -4.14 -2.55
C GLN A 16 7.79 -3.87 -1.08
N THR A 1 -2.06 -9.99 2.98
CA THR A 1 -0.62 -10.25 2.80
C THR A 1 0.11 -8.99 2.34
N TYR A 2 -0.26 -8.49 1.15
CA TYR A 2 0.34 -7.31 0.54
C TYR A 2 0.01 -6.06 1.36
N SER A 3 0.78 -4.99 1.13
CA SER A 3 0.64 -3.73 1.84
C SER A 3 -0.17 -2.77 0.96
N CYS A 4 -1.45 -3.10 0.77
CA CYS A 4 -2.40 -2.37 -0.06
C CYS A 4 -3.26 -1.47 0.82
N HIS A 5 -2.73 -0.28 1.11
CA HIS A 5 -3.28 0.70 2.03
C HIS A 5 -3.11 2.11 1.46
N PHE A 6 -3.81 3.08 2.05
CA PHE A 6 -3.58 4.49 1.76
C PHE A 6 -2.56 5.03 2.76
N GLY A 7 -1.33 5.27 2.29
CA GLY A 7 -0.27 5.84 3.09
C GLY A 7 1.09 5.56 2.42
N PRO A 8 2.15 6.29 2.80
CA PRO A 8 2.17 7.32 3.82
C PRO A 8 1.50 8.62 3.33
N LEU A 9 1.72 9.00 2.07
CA LEU A 9 1.14 10.18 1.44
C LEU A 9 0.03 9.75 0.48
N THR A 10 0.36 8.87 -0.48
CA THR A 10 -0.54 8.41 -1.53
C THR A 10 -0.95 6.96 -1.27
N TRP A 11 -1.72 6.39 -2.20
CA TRP A 11 -2.01 4.96 -2.22
C TRP A 11 -0.73 4.18 -2.51
N VAL A 12 -0.54 3.06 -1.80
CA VAL A 12 0.56 2.14 -1.99
C VAL A 12 0.01 0.72 -1.90
N CYS A 13 0.27 -0.11 -2.92
CA CYS A 13 -0.12 -1.51 -2.98
C CYS A 13 1.02 -2.33 -3.60
N LYS A 14 1.79 -2.98 -2.74
CA LYS A 14 3.04 -3.67 -3.06
C LYS A 14 3.12 -4.98 -2.29
N PRO A 15 4.00 -5.92 -2.69
CA PRO A 15 4.30 -7.13 -1.92
C PRO A 15 4.68 -6.83 -0.47
N GLN A 16 4.45 -7.80 0.41
CA GLN A 16 4.70 -7.67 1.85
C GLN A 16 6.15 -7.30 2.14
N THR A 1 0.68 -9.88 3.34
CA THR A 1 1.00 -10.37 1.99
C THR A 1 0.60 -9.34 0.93
N TYR A 2 -0.60 -9.48 0.37
CA TYR A 2 -1.13 -8.60 -0.66
C TYR A 2 -1.76 -7.37 0.00
N SER A 3 -0.91 -6.47 0.49
CA SER A 3 -1.30 -5.36 1.35
C SER A 3 -1.41 -4.08 0.51
N CYS A 4 -2.64 -3.74 0.12
CA CYS A 4 -2.98 -2.47 -0.53
C CYS A 4 -3.58 -1.55 0.52
N HIS A 5 -2.92 -0.40 0.77
CA HIS A 5 -3.24 0.50 1.87
C HIS A 5 -3.10 1.97 1.44
N PHE A 6 -3.67 2.87 2.26
CA PHE A 6 -3.45 4.30 2.13
C PHE A 6 -2.24 4.68 2.98
N GLY A 7 -1.19 5.22 2.36
CA GLY A 7 -0.02 5.72 3.05
C GLY A 7 1.22 5.60 2.16
N PRO A 8 2.26 6.41 2.39
CA PRO A 8 2.37 7.40 3.46
C PRO A 8 1.59 8.68 3.12
N LEU A 9 1.72 9.16 1.88
CA LEU A 9 1.06 10.36 1.38
C LEU A 9 -0.09 9.92 0.46
N THR A 10 0.25 9.13 -0.57
CA THR A 10 -0.69 8.58 -1.55
C THR A 10 -1.04 7.14 -1.17
N TRP A 11 -1.83 6.47 -2.01
CA TRP A 11 -2.09 5.04 -1.88
C TRP A 11 -0.88 4.26 -2.41
N VAL A 12 -0.50 3.20 -1.69
CA VAL A 12 0.58 2.31 -2.06
C VAL A 12 0.13 0.87 -1.79
N CYS A 13 0.60 -0.08 -2.60
CA CYS A 13 0.34 -1.49 -2.40
C CYS A 13 1.61 -2.31 -2.63
N LYS A 14 1.75 -3.38 -1.85
CA LYS A 14 2.77 -4.41 -2.00
C LYS A 14 2.04 -5.72 -2.31
N PRO A 15 1.73 -6.00 -3.59
CA PRO A 15 0.96 -7.17 -4.00
C PRO A 15 1.87 -8.40 -4.07
N GLN A 16 2.42 -8.82 -2.92
CA GLN A 16 3.34 -9.94 -2.80
C GLN A 16 2.64 -11.13 -2.13
N THR A 1 -3.94 -6.96 5.37
CA THR A 1 -4.16 -7.86 4.24
C THR A 1 -3.23 -7.53 3.07
N TYR A 2 -3.07 -8.48 2.14
CA TYR A 2 -2.26 -8.33 0.94
C TYR A 2 -2.99 -7.43 -0.06
N SER A 3 -3.04 -6.14 0.26
CA SER A 3 -3.79 -5.11 -0.43
C SER A 3 -2.96 -3.83 -0.50
N CYS A 4 -3.60 -2.68 -0.81
CA CYS A 4 -2.96 -1.37 -0.78
C CYS A 4 -3.36 -0.64 0.49
N HIS A 5 -2.47 0.23 0.98
CA HIS A 5 -2.67 1.07 2.15
C HIS A 5 -2.43 2.53 1.77
N PHE A 6 -3.30 3.43 2.26
CA PHE A 6 -3.21 4.85 1.97
C PHE A 6 -2.19 5.52 2.89
N GLY A 7 -0.92 5.21 2.66
CA GLY A 7 0.20 5.73 3.44
C GLY A 7 1.49 5.58 2.62
N PRO A 8 2.46 6.48 2.77
CA PRO A 8 2.49 7.60 3.71
C PRO A 8 1.57 8.76 3.27
N LEU A 9 1.16 8.78 2.00
CA LEU A 9 0.23 9.77 1.46
C LEU A 9 -0.74 9.09 0.51
N THR A 10 -0.22 8.37 -0.50
CA THR A 10 -0.99 7.78 -1.58
C THR A 10 -1.24 6.30 -1.32
N TRP A 11 -2.05 5.68 -2.19
CA TRP A 11 -2.28 4.24 -2.17
C TRP A 11 -1.01 3.50 -2.60
N VAL A 12 -0.29 2.94 -1.62
CA VAL A 12 0.90 2.15 -1.84
C VAL A 12 0.50 0.68 -1.76
N CYS A 13 0.69 -0.05 -2.87
CA CYS A 13 0.29 -1.44 -3.04
C CYS A 13 1.50 -2.34 -2.83
N LYS A 14 1.50 -3.09 -1.72
CA LYS A 14 2.55 -4.03 -1.34
C LYS A 14 1.91 -5.29 -0.75
N PRO A 15 2.60 -6.44 -0.80
CA PRO A 15 2.12 -7.69 -0.24
C PRO A 15 2.27 -7.67 1.29
N GLN A 16 1.35 -6.96 1.97
CA GLN A 16 1.41 -6.74 3.40
C GLN A 16 1.15 -8.07 4.14
N THR A 1 -2.58 -9.89 4.06
CA THR A 1 -1.32 -9.27 4.49
C THR A 1 -0.89 -8.16 3.53
N TYR A 2 -0.51 -8.54 2.31
CA TYR A 2 0.01 -7.64 1.29
C TYR A 2 -1.15 -6.92 0.62
N SER A 3 -1.75 -5.97 1.34
CA SER A 3 -2.93 -5.22 0.92
C SER A 3 -2.53 -3.85 0.38
N CYS A 4 -3.53 -3.06 -0.02
CA CYS A 4 -3.33 -1.69 -0.51
C CYS A 4 -3.63 -0.73 0.64
N HIS A 5 -2.73 0.25 0.84
CA HIS A 5 -2.72 1.12 2.00
C HIS A 5 -2.36 2.54 1.56
N PHE A 6 -3.04 3.54 2.15
CA PHE A 6 -2.84 4.94 1.84
C PHE A 6 -1.67 5.51 2.66
N GLY A 7 -0.48 4.93 2.47
CA GLY A 7 0.73 5.24 3.22
C GLY A 7 1.83 5.72 2.26
N PRO A 8 2.49 6.85 2.52
CA PRO A 8 2.29 7.76 3.66
C PRO A 8 0.97 8.52 3.53
N LEU A 9 0.73 9.13 2.35
CA LEU A 9 -0.54 9.74 2.00
C LEU A 9 -0.84 9.45 0.52
N THR A 10 -0.42 8.27 0.03
CA THR A 10 -0.59 7.82 -1.34
C THR A 10 -0.93 6.33 -1.32
N TRP A 11 -1.74 5.88 -2.29
CA TRP A 11 -2.13 4.48 -2.39
C TRP A 11 -0.95 3.64 -2.89
N VAL A 12 -0.20 3.08 -1.93
CA VAL A 12 0.88 2.14 -2.18
C VAL A 12 0.31 0.74 -1.90
N CYS A 13 0.64 -0.24 -2.76
CA CYS A 13 0.15 -1.60 -2.65
C CYS A 13 1.27 -2.57 -2.98
N LYS A 14 2.23 -2.67 -2.04
CA LYS A 14 3.42 -3.51 -2.12
C LYS A 14 3.44 -4.42 -0.88
N PRO A 15 4.22 -5.51 -0.88
CA PRO A 15 4.32 -6.45 0.24
C PRO A 15 4.57 -5.76 1.58
N GLN A 16 3.56 -5.77 2.45
CA GLN A 16 3.59 -5.09 3.74
C GLN A 16 4.38 -5.92 4.75
N THR A 1 -2.36 -13.16 -2.20
CA THR A 1 -1.18 -12.76 -2.99
C THR A 1 -0.49 -11.54 -2.38
N TYR A 2 -1.19 -10.40 -2.35
CA TYR A 2 -0.72 -9.16 -1.76
C TYR A 2 -1.91 -8.29 -1.36
N SER A 3 -1.63 -7.16 -0.70
CA SER A 3 -2.63 -6.19 -0.28
C SER A 3 -2.08 -4.77 -0.50
N CYS A 4 -2.95 -3.77 -0.33
CA CYS A 4 -2.61 -2.36 -0.49
C CYS A 4 -3.30 -1.53 0.59
N HIS A 5 -2.72 -0.36 0.90
CA HIS A 5 -3.13 0.51 1.99
C HIS A 5 -3.07 1.98 1.57
N PHE A 6 -3.68 2.86 2.36
CA PHE A 6 -3.53 4.29 2.21
C PHE A 6 -2.26 4.76 2.94
N GLY A 7 -1.51 5.65 2.29
CA GLY A 7 -0.31 6.27 2.83
C GLY A 7 0.94 5.57 2.28
N PRO A 8 2.15 6.08 2.59
CA PRO A 8 2.43 7.19 3.50
C PRO A 8 1.78 8.51 3.07
N LEU A 9 1.93 8.88 1.80
CA LEU A 9 1.37 10.11 1.22
C LEU A 9 0.11 9.74 0.42
N THR A 10 0.29 8.98 -0.67
CA THR A 10 -0.78 8.52 -1.54
C THR A 10 -1.13 7.07 -1.19
N TRP A 11 -2.04 6.46 -1.95
CA TRP A 11 -2.29 5.03 -1.85
C TRP A 11 -1.07 4.27 -2.38
N VAL A 12 -0.68 3.18 -1.71
CA VAL A 12 0.48 2.37 -2.05
C VAL A 12 0.13 0.90 -1.87
N CYS A 13 0.68 0.03 -2.73
CA CYS A 13 0.54 -1.42 -2.65
C CYS A 13 1.80 -2.05 -2.05
N LYS A 14 1.60 -3.19 -1.38
CA LYS A 14 2.65 -3.94 -0.69
C LYS A 14 2.76 -5.34 -1.32
N PRO A 15 3.37 -5.46 -2.51
CA PRO A 15 3.51 -6.74 -3.21
C PRO A 15 4.45 -7.66 -2.43
N GLN A 16 3.87 -8.70 -1.81
CA GLN A 16 4.60 -9.65 -0.98
C GLN A 16 5.51 -10.52 -1.84
N THR A 1 -1.19 -12.36 -1.23
CA THR A 1 -0.74 -11.77 -2.51
C THR A 1 -0.18 -10.36 -2.34
N TYR A 2 -0.83 -9.54 -1.50
CA TYR A 2 -0.45 -8.17 -1.19
C TYR A 2 -1.42 -7.58 -0.16
N SER A 3 -1.14 -6.34 0.26
CA SER A 3 -2.03 -5.53 1.07
C SER A 3 -1.96 -4.10 0.53
N CYS A 4 -3.08 -3.59 0.01
CA CYS A 4 -3.16 -2.26 -0.58
C CYS A 4 -3.75 -1.29 0.46
N HIS A 5 -3.02 -0.21 0.74
CA HIS A 5 -3.27 0.71 1.83
C HIS A 5 -3.02 2.16 1.37
N PHE A 6 -3.35 3.12 2.24
CA PHE A 6 -2.99 4.52 2.07
C PHE A 6 -1.84 4.85 3.02
N GLY A 7 -0.68 5.18 2.46
CA GLY A 7 0.49 5.57 3.22
C GLY A 7 1.67 5.80 2.26
N PRO A 8 2.52 6.82 2.47
CA PRO A 8 2.48 7.77 3.57
C PRO A 8 1.36 8.81 3.38
N LEU A 9 1.23 9.36 2.16
CA LEU A 9 0.15 10.26 1.78
C LEU A 9 -0.30 9.94 0.35
N THR A 10 -0.09 8.70 -0.09
CA THR A 10 -0.47 8.19 -1.41
C THR A 10 -1.00 6.77 -1.24
N TRP A 11 -1.76 6.27 -2.22
CA TRP A 11 -2.17 4.88 -2.24
C TRP A 11 -1.00 4.02 -2.71
N VAL A 12 -0.64 3.00 -1.92
CA VAL A 12 0.50 2.12 -2.17
C VAL A 12 0.06 0.68 -1.90
N CYS A 13 0.63 -0.27 -2.65
CA CYS A 13 0.39 -1.69 -2.46
C CYS A 13 1.71 -2.45 -2.66
N LYS A 14 1.77 -3.70 -2.17
CA LYS A 14 3.01 -4.48 -2.07
C LYS A 14 2.85 -5.88 -2.67
N PRO A 15 2.87 -6.03 -4.01
CA PRO A 15 2.94 -7.31 -4.70
C PRO A 15 4.02 -8.23 -4.10
N GLN A 16 3.61 -9.42 -3.62
CA GLN A 16 4.49 -10.35 -2.93
C GLN A 16 3.97 -11.78 -3.10
N THR A 1 0.43 -10.41 2.28
CA THR A 1 0.70 -10.88 0.90
C THR A 1 0.62 -9.72 -0.09
N TYR A 2 -0.60 -9.30 -0.42
CA TYR A 2 -0.91 -8.19 -1.32
C TYR A 2 -1.54 -7.09 -0.48
N SER A 3 -0.70 -6.24 0.13
CA SER A 3 -1.14 -5.27 1.13
C SER A 3 -1.28 -3.91 0.45
N CYS A 4 -2.51 -3.59 0.03
CA CYS A 4 -2.90 -2.32 -0.57
C CYS A 4 -3.55 -1.45 0.50
N HIS A 5 -2.92 -0.31 0.80
CA HIS A 5 -3.25 0.57 1.90
C HIS A 5 -3.14 2.03 1.49
N PHE A 6 -3.73 2.93 2.29
CA PHE A 6 -3.52 4.36 2.16
C PHE A 6 -2.31 4.76 3.01
N GLY A 7 -1.25 5.25 2.38
CA GLY A 7 -0.06 5.74 3.06
C GLY A 7 1.18 5.51 2.21
N PRO A 8 2.26 6.29 2.42
CA PRO A 8 2.40 7.30 3.46
C PRO A 8 1.67 8.60 3.09
N LEU A 9 1.82 9.05 1.84
CA LEU A 9 1.16 10.25 1.32
C LEU A 9 -0.02 9.84 0.44
N THR A 10 0.25 9.03 -0.59
CA THR A 10 -0.74 8.52 -1.53
C THR A 10 -1.11 7.08 -1.15
N TRP A 11 -1.95 6.45 -1.98
CA TRP A 11 -2.22 5.03 -1.87
C TRP A 11 -1.01 4.25 -2.42
N VAL A 12 -0.64 3.16 -1.75
CA VAL A 12 0.47 2.30 -2.13
C VAL A 12 0.07 0.84 -1.90
N CYS A 13 0.66 -0.07 -2.67
CA CYS A 13 0.52 -1.51 -2.49
C CYS A 13 1.89 -2.16 -2.30
N LYS A 14 1.91 -3.28 -1.56
CA LYS A 14 3.07 -4.14 -1.38
C LYS A 14 2.69 -5.57 -1.79
N PRO A 15 2.87 -5.94 -3.06
CA PRO A 15 2.69 -7.31 -3.54
C PRO A 15 3.70 -8.29 -2.93
N GLN A 16 3.54 -9.58 -3.25
CA GLN A 16 4.53 -10.60 -2.92
C GLN A 16 5.71 -10.51 -3.90
N THR A 1 -3.26 -10.62 -0.98
CA THR A 1 -1.89 -10.99 -1.38
C THR A 1 -0.89 -9.86 -1.08
N TYR A 2 -1.20 -8.65 -1.54
CA TYR A 2 -0.37 -7.47 -1.36
C TYR A 2 -0.89 -6.65 -0.16
N SER A 3 -0.09 -5.68 0.27
CA SER A 3 -0.46 -4.71 1.29
C SER A 3 -0.86 -3.42 0.58
N CYS A 4 -2.14 -3.33 0.21
CA CYS A 4 -2.75 -2.20 -0.46
C CYS A 4 -3.47 -1.35 0.58
N HIS A 5 -2.86 -0.21 0.90
CA HIS A 5 -3.28 0.68 1.97
C HIS A 5 -3.13 2.14 1.54
N PHE A 6 -3.80 3.05 2.25
CA PHE A 6 -3.59 4.48 2.11
C PHE A 6 -2.43 4.89 3.01
N GLY A 7 -1.30 5.27 2.40
CA GLY A 7 -0.13 5.77 3.12
C GLY A 7 1.14 5.52 2.31
N PRO A 8 2.22 6.29 2.52
CA PRO A 8 2.33 7.33 3.55
C PRO A 8 1.59 8.62 3.14
N LEU A 9 1.74 9.04 1.88
CA LEU A 9 1.10 10.23 1.32
C LEU A 9 -0.05 9.77 0.42
N THR A 10 0.28 8.96 -0.60
CA THR A 10 -0.66 8.42 -1.56
C THR A 10 -1.01 6.97 -1.18
N TRP A 11 -1.84 6.31 -1.98
CA TRP A 11 -2.10 4.89 -1.84
C TRP A 11 -0.90 4.10 -2.36
N VAL A 12 -0.55 3.01 -1.65
CA VAL A 12 0.57 2.15 -2.00
C VAL A 12 0.15 0.69 -1.85
N CYS A 13 0.42 -0.10 -2.89
CA CYS A 13 0.31 -1.55 -2.90
C CYS A 13 1.72 -2.12 -2.85
N LYS A 14 2.13 -2.60 -1.66
CA LYS A 14 3.44 -3.18 -1.41
C LYS A 14 3.27 -4.71 -1.46
N PRO A 15 3.76 -5.39 -2.51
CA PRO A 15 3.58 -6.83 -2.63
C PRO A 15 4.39 -7.56 -1.55
N GLN A 16 3.69 -8.39 -0.76
CA GLN A 16 4.27 -9.11 0.37
C GLN A 16 5.07 -10.31 -0.15
N THR A 1 0.64 -10.86 3.47
CA THR A 1 0.51 -11.05 2.01
C THR A 1 1.01 -9.81 1.26
N TYR A 2 0.30 -8.69 1.43
CA TYR A 2 0.54 -7.45 0.71
C TYR A 2 0.20 -6.25 1.60
N SER A 3 0.77 -5.09 1.26
CA SER A 3 0.57 -3.82 1.95
C SER A 3 -0.20 -2.87 1.02
N CYS A 4 -1.50 -3.13 0.85
CA CYS A 4 -2.40 -2.38 -0.01
C CYS A 4 -3.27 -1.46 0.83
N HIS A 5 -2.74 -0.27 1.11
CA HIS A 5 -3.31 0.73 2.00
C HIS A 5 -3.10 2.13 1.42
N PHE A 6 -3.79 3.12 2.01
CA PHE A 6 -3.54 4.53 1.72
C PHE A 6 -2.54 5.05 2.74
N GLY A 7 -1.30 5.27 2.31
CA GLY A 7 -0.25 5.83 3.13
C GLY A 7 1.12 5.57 2.49
N PRO A 8 2.15 6.34 2.85
CA PRO A 8 2.14 7.39 3.86
C PRO A 8 1.44 8.66 3.34
N LEU A 9 1.69 9.02 2.08
CA LEU A 9 1.13 10.20 1.43
C LEU A 9 0.04 9.81 0.45
N THR A 10 0.30 8.78 -0.38
CA THR A 10 -0.57 8.34 -1.47
C THR A 10 -0.93 6.86 -1.27
N TRP A 11 -1.71 6.30 -2.21
CA TRP A 11 -2.01 4.89 -2.26
C TRP A 11 -0.74 4.09 -2.57
N VAL A 12 -0.48 3.04 -1.78
CA VAL A 12 0.64 2.13 -1.96
C VAL A 12 0.10 0.71 -1.87
N CYS A 13 0.25 -0.07 -2.94
CA CYS A 13 -0.16 -1.47 -3.01
C CYS A 13 0.87 -2.28 -3.79
N LYS A 14 1.30 -3.40 -3.19
CA LYS A 14 2.23 -4.36 -3.77
C LYS A 14 1.60 -5.75 -3.60
N PRO A 15 0.69 -6.16 -4.49
CA PRO A 15 -0.13 -7.35 -4.32
C PRO A 15 0.64 -8.61 -4.74
N GLN A 16 1.69 -8.95 -4.00
CA GLN A 16 2.50 -10.14 -4.17
C GLN A 16 3.01 -10.27 -5.61
N THR A 1 2.65 -10.48 2.88
CA THR A 1 2.26 -9.43 3.84
C THR A 1 1.98 -8.13 3.10
N TYR A 2 1.04 -8.17 2.14
CA TYR A 2 0.79 -7.12 1.19
C TYR A 2 0.23 -5.88 1.90
N SER A 3 0.94 -4.75 1.76
CA SER A 3 0.57 -3.48 2.38
C SER A 3 -0.14 -2.63 1.33
N CYS A 4 -1.42 -2.96 1.09
CA CYS A 4 -2.29 -2.27 0.14
C CYS A 4 -3.18 -1.31 0.91
N HIS A 5 -2.65 -0.11 1.16
CA HIS A 5 -3.23 0.90 2.03
C HIS A 5 -3.05 2.29 1.43
N PHE A 6 -3.81 3.27 1.96
CA PHE A 6 -3.64 4.68 1.63
C PHE A 6 -2.62 5.29 2.58
N GLY A 7 -1.35 5.20 2.21
CA GLY A 7 -0.26 5.88 2.91
C GLY A 7 1.09 5.46 2.30
N PRO A 8 2.21 6.07 2.73
CA PRO A 8 2.32 7.10 3.76
C PRO A 8 1.54 8.37 3.45
N LEU A 9 1.58 8.82 2.18
CA LEU A 9 0.84 9.97 1.68
C LEU A 9 -0.22 9.50 0.68
N THR A 10 0.21 8.84 -0.40
CA THR A 10 -0.62 8.38 -1.49
C THR A 10 -0.93 6.89 -1.33
N TRP A 11 -1.70 6.32 -2.26
CA TRP A 11 -1.98 4.89 -2.30
C TRP A 11 -0.69 4.11 -2.61
N VAL A 12 -0.42 3.07 -1.81
CA VAL A 12 0.68 2.15 -2.02
C VAL A 12 0.14 0.73 -1.85
N CYS A 13 0.23 -0.07 -2.93
CA CYS A 13 -0.11 -1.48 -2.93
C CYS A 13 0.90 -2.24 -3.79
N LYS A 14 1.66 -3.14 -3.17
CA LYS A 14 2.66 -3.98 -3.83
C LYS A 14 2.61 -5.39 -3.24
N PRO A 15 2.99 -6.43 -4.01
CA PRO A 15 2.93 -7.82 -3.56
C PRO A 15 4.15 -8.16 -2.70
N GLN A 16 4.29 -7.50 -1.56
CA GLN A 16 5.39 -7.71 -0.61
C GLN A 16 5.10 -8.93 0.27
N THR A 1 0.64 -10.58 2.08
CA THR A 1 -0.11 -10.73 0.82
C THR A 1 -0.33 -9.37 0.13
N TYR A 2 -1.34 -9.28 -0.75
CA TYR A 2 -1.69 -8.07 -1.47
C TYR A 2 -2.30 -7.04 -0.50
N SER A 3 -1.44 -6.33 0.21
CA SER A 3 -1.83 -5.40 1.26
C SER A 3 -1.82 -3.98 0.68
N CYS A 4 -2.99 -3.56 0.20
CA CYS A 4 -3.16 -2.27 -0.48
C CYS A 4 -3.75 -1.28 0.52
N HIS A 5 -3.01 -0.20 0.78
CA HIS A 5 -3.29 0.76 1.85
C HIS A 5 -3.02 2.18 1.35
N PHE A 6 -3.34 3.16 2.20
CA PHE A 6 -2.97 4.56 2.02
C PHE A 6 -1.84 4.91 2.98
N GLY A 7 -0.65 5.20 2.45
CA GLY A 7 0.51 5.60 3.23
C GLY A 7 1.68 5.88 2.30
N PRO A 8 2.51 6.91 2.57
CA PRO A 8 2.39 7.86 3.67
C PRO A 8 1.26 8.86 3.43
N LEU A 9 1.15 9.39 2.20
CA LEU A 9 0.06 10.26 1.78
C LEU A 9 -0.34 9.91 0.33
N THR A 10 -0.09 8.66 -0.07
CA THR A 10 -0.37 8.13 -1.41
C THR A 10 -0.89 6.70 -1.25
N TRP A 11 -1.68 6.22 -2.22
CA TRP A 11 -2.10 4.82 -2.24
C TRP A 11 -0.91 3.96 -2.67
N VAL A 12 -0.59 2.93 -1.88
CA VAL A 12 0.54 2.03 -2.10
C VAL A 12 0.09 0.59 -1.87
N CYS A 13 0.48 -0.31 -2.77
CA CYS A 13 0.32 -1.75 -2.63
C CYS A 13 1.58 -2.43 -3.18
N LYS A 14 1.78 -3.71 -2.80
CA LYS A 14 2.88 -4.54 -3.29
C LYS A 14 2.38 -5.97 -3.52
N PRO A 15 2.95 -6.70 -4.50
CA PRO A 15 2.48 -8.01 -4.92
C PRO A 15 3.02 -9.11 -3.99
N GLN A 16 2.57 -9.11 -2.74
CA GLN A 16 2.87 -10.10 -1.71
C GLN A 16 4.30 -10.00 -1.18
N THR A 1 3.22 -7.00 -1.66
CA THR A 1 2.04 -7.77 -1.24
C THR A 1 0.75 -7.02 -1.57
N TYR A 2 -0.40 -7.66 -1.31
CA TYR A 2 -1.72 -7.03 -1.43
C TYR A 2 -2.01 -6.11 -0.23
N SER A 3 -1.04 -5.27 0.14
CA SER A 3 -1.14 -4.30 1.20
C SER A 3 -1.41 -2.95 0.54
N CYS A 4 -2.69 -2.70 0.19
CA CYS A 4 -3.09 -1.51 -0.56
C CYS A 4 -3.62 -0.49 0.44
N HIS A 5 -2.69 0.09 1.21
CA HIS A 5 -2.96 1.07 2.26
C HIS A 5 -2.70 2.48 1.75
N PHE A 6 -3.50 3.44 2.24
CA PHE A 6 -3.34 4.85 1.91
C PHE A 6 -2.33 5.49 2.85
N GLY A 7 -1.04 5.21 2.60
CA GLY A 7 0.05 5.74 3.38
C GLY A 7 1.37 5.52 2.64
N PRO A 8 2.40 6.37 2.86
CA PRO A 8 2.42 7.48 3.80
C PRO A 8 1.62 8.69 3.31
N LEU A 9 1.25 8.71 2.02
CA LEU A 9 0.42 9.76 1.43
C LEU A 9 -0.57 9.12 0.45
N THR A 10 -0.06 8.35 -0.52
CA THR A 10 -0.83 7.79 -1.62
C THR A 10 -1.18 6.33 -1.34
N TRP A 11 -1.96 5.72 -2.24
CA TRP A 11 -2.26 4.29 -2.22
C TRP A 11 -1.01 3.52 -2.63
N VAL A 12 -0.28 2.96 -1.64
CA VAL A 12 0.92 2.19 -1.86
C VAL A 12 0.56 0.71 -1.78
N CYS A 13 0.68 0.00 -2.92
CA CYS A 13 0.48 -1.44 -3.02
C CYS A 13 1.52 -2.04 -3.96
N LYS A 14 1.76 -3.36 -3.84
CA LYS A 14 2.61 -4.10 -4.77
C LYS A 14 1.96 -5.46 -5.02
N PRO A 15 0.94 -5.54 -5.89
CA PRO A 15 0.17 -6.74 -6.15
C PRO A 15 1.04 -7.96 -6.46
N GLN A 16 1.11 -8.89 -5.51
CA GLN A 16 1.89 -10.12 -5.61
C GLN A 16 1.20 -11.14 -6.53
N THR A 1 -4.46 -1.66 6.91
CA THR A 1 -3.71 -2.60 6.05
C THR A 1 -2.29 -2.11 5.80
N TYR A 2 -1.44 -3.02 5.27
CA TYR A 2 -0.09 -2.72 4.82
C TYR A 2 0.28 -3.57 3.60
N SER A 3 -0.74 -4.08 2.89
CA SER A 3 -0.62 -4.81 1.63
C SER A 3 -0.93 -3.83 0.51
N CYS A 4 -2.14 -3.26 0.56
CA CYS A 4 -2.61 -2.15 -0.25
C CYS A 4 -3.41 -1.25 0.70
N HIS A 5 -2.86 -0.07 0.99
CA HIS A 5 -3.38 0.84 2.00
C HIS A 5 -3.26 2.29 1.52
N PHE A 6 -3.99 3.20 2.19
CA PHE A 6 -3.84 4.63 1.96
C PHE A 6 -2.60 5.13 2.70
N GLY A 7 -1.44 5.01 2.06
CA GLY A 7 -0.20 5.59 2.53
C GLY A 7 0.98 5.06 1.73
N PRO A 8 2.22 5.53 1.99
CA PRO A 8 2.60 6.47 3.04
C PRO A 8 1.89 7.83 2.97
N LEU A 9 1.89 8.47 1.79
CA LEU A 9 1.23 9.75 1.57
C LEU A 9 -0.07 9.53 0.80
N THR A 10 0.04 9.03 -0.44
CA THR A 10 -1.08 8.61 -1.27
C THR A 10 -1.18 7.08 -1.19
N TRP A 11 -2.15 6.48 -1.88
CA TRP A 11 -2.32 5.03 -1.87
C TRP A 11 -1.14 4.34 -2.57
N VAL A 12 -0.46 3.44 -1.85
CA VAL A 12 0.60 2.60 -2.39
C VAL A 12 0.43 1.19 -1.81
N CYS A 13 0.81 0.17 -2.59
CA CYS A 13 0.80 -1.22 -2.16
C CYS A 13 2.20 -1.65 -1.74
N LYS A 14 2.61 -1.20 -0.55
CA LYS A 14 3.88 -1.51 0.08
C LYS A 14 3.64 -1.72 1.59
N PRO A 15 4.59 -2.37 2.30
CA PRO A 15 4.58 -2.46 3.75
C PRO A 15 4.94 -1.09 4.35
N GLN A 16 3.96 -0.17 4.31
CA GLN A 16 4.12 1.22 4.72
C GLN A 16 5.27 1.90 3.96
#